data_3MY1
#
_entry.id   3MY1
#
_cell.length_a   173.789
_cell.length_b   173.789
_cell.length_c   99.221
_cell.angle_alpha   90.00
_cell.angle_beta   90.00
_cell.angle_gamma   120.00
#
_symmetry.space_group_name_H-M   'H 3'
#
loop_
_entity.id
_entity.type
_entity.pdbx_description
1 polymer 'Cell division protein kinase 9'
2 polymer Cyclin-T1
3 non-polymer 'PHOSPHATE ION'
4 non-polymer GLYCEROL
5 non-polymer 5,6-dichloro-1-beta-D-ribofuranosyl-1H-benzimidazole
6 water water
#
loop_
_entity_poly.entity_id
_entity_poly.type
_entity_poly.pdbx_seq_one_letter_code
_entity_poly.pdbx_strand_id
1 'polypeptide(L)'
;GPAKQYDSVECPFCDEVSKYEKLAKIGQGTFGEVFKARHRKTGQKVALKKVLMENEKEGFPITALREIKILQLLKHENVV
NLIEICRTKASPYNRCKGSIYLVFDFCEHDLAGLLSNVLVKFTLSEIKRVMQMLLNGLYYIHRNKILHRDMKAANVLITR
DGVLKLADFGLARAFSLAKNSQPNRY(TPO)NRVVTLWYRPPELLLGERDYGPPIDLWGAGCIMAEMWTRSPIMQGNTEQ
HQLALISQLCGSITPEVWPNVDNYELYEKLELVKGQKRKVKDRLKAYVRDPYALDLIDKLLVLDPAQRIDSDDALNHDFF
WSDPMPSDLKGMLST
;
A
2 'polypeptide(L)'
;GPEGERKNNNKRWYFTREQLENSPSRRFGVDPDKELSYRQQAANLLQDMGQRLNVSQLTINTAIVYMHRFYMIQSFTRFP
GNSVAPAALFLAAKVEGQPKKLEHVIKVAHTCLHPQESLPDTRSEAYLQQVQDLVILESIILQTLGFELTIDHPHTHVVK
CTQLVRASKDLAQTSYFMATNSLHLTTFSLQYTPPVVACVCIHLACKWSNWEIPVSTDGKHWWEYVDATVTLELLDELTH
ELLQILEKTPNRLKRIWNWR
;
B
#
loop_
_chem_comp.id
_chem_comp.type
_chem_comp.name
_chem_comp.formula
GOL non-polymer GLYCEROL 'C3 H8 O3'
PO4 non-polymer 'PHOSPHATE ION' 'O4 P -3'
RFZ non-polymer 5,6-dichloro-1-beta-D-ribofuranosyl-1H-benzimidazole 'C12 H12 Cl2 N2 O4'
#
# COMPACT_ATOMS: atom_id res chain seq x y z
N ASP A 7 -3.98 -30.83 -13.81
CA ASP A 7 -2.66 -30.87 -13.18
C ASP A 7 -2.37 -29.65 -12.29
N SER A 8 -1.09 -29.41 -12.02
CA SER A 8 -0.68 -28.48 -10.96
C SER A 8 0.22 -27.35 -11.49
N VAL A 9 0.13 -26.18 -10.85
CA VAL A 9 0.97 -25.03 -11.23
C VAL A 9 2.05 -24.75 -10.19
N GLU A 10 3.27 -24.47 -10.66
CA GLU A 10 4.37 -24.14 -9.76
C GLU A 10 4.02 -22.94 -8.90
N CYS A 11 4.43 -22.95 -7.63
CA CYS A 11 4.12 -21.83 -6.77
C CYS A 11 5.11 -21.63 -5.63
N PRO A 12 6.31 -21.19 -5.98
CA PRO A 12 7.48 -21.02 -5.11
C PRO A 12 7.21 -20.03 -3.99
N PHE A 13 6.39 -19.01 -4.22
CA PHE A 13 6.32 -17.92 -3.26
C PHE A 13 4.98 -17.75 -2.60
N CYS A 14 4.15 -18.78 -2.64
CA CYS A 14 2.91 -18.73 -1.89
C CYS A 14 2.66 -20.10 -1.31
N ASP A 15 2.94 -20.26 -0.01
CA ASP A 15 2.79 -21.56 0.64
C ASP A 15 1.33 -21.84 0.97
N GLU A 16 0.95 -23.12 0.97
CA GLU A 16 -0.42 -23.51 1.36
C GLU A 16 -0.60 -23.33 2.87
N VAL A 17 -1.71 -22.73 3.27
CA VAL A 17 -1.97 -22.39 4.66
C VAL A 17 -2.06 -23.64 5.56
N SER A 18 -2.23 -24.80 4.94
CA SER A 18 -2.22 -26.04 5.70
C SER A 18 -0.90 -26.24 6.49
N LYS A 19 0.11 -25.41 6.25
CA LYS A 19 1.36 -25.56 7.00
C LYS A 19 1.16 -25.10 8.43
N TYR A 20 0.08 -24.35 8.65
CA TYR A 20 -0.36 -23.92 9.96
C TYR A 20 -1.56 -24.75 10.38
N GLU A 21 -1.70 -24.99 11.69
CA GLU A 21 -2.79 -25.78 12.24
C GLU A 21 -3.74 -24.82 12.95
N LYS A 22 -4.97 -24.69 12.45
CA LYS A 22 -5.91 -23.76 13.08
C LYS A 22 -6.15 -24.12 14.55
N LEU A 23 -6.46 -23.14 15.38
CA LEU A 23 -6.72 -23.41 16.80
C LEU A 23 -8.04 -22.88 17.32
N ALA A 24 -8.30 -21.59 17.11
CA ALA A 24 -9.50 -20.98 17.64
C ALA A 24 -9.82 -19.65 16.99
N LYS A 25 -11.07 -19.43 16.62
CA LYS A 25 -11.51 -18.12 16.17
C LYS A 25 -11.18 -17.08 17.24
N ILE A 26 -10.54 -15.98 16.84
CA ILE A 26 -10.20 -14.89 17.75
C ILE A 26 -10.60 -13.54 17.16
N GLY A 27 -11.13 -13.57 15.94
CA GLY A 27 -11.38 -12.35 15.16
C GLY A 27 -12.71 -11.69 15.46
N GLN A 28 -12.99 -11.58 16.75
CA GLN A 28 -14.32 -11.22 17.25
C GLN A 28 -14.89 -9.89 16.72
N GLY A 29 -16.11 -9.59 17.15
CA GLY A 29 -16.95 -8.63 16.45
C GLY A 29 -17.63 -9.40 15.32
N THR A 30 -17.25 -10.67 15.22
CA THR A 30 -17.71 -11.58 14.16
C THR A 30 -17.19 -11.16 12.79
N PHE A 31 -16.12 -10.36 12.75
CA PHE A 31 -15.61 -9.89 11.47
C PHE A 31 -14.13 -10.18 11.19
N GLY A 32 -13.86 -10.41 9.90
CA GLY A 32 -12.55 -10.83 9.44
C GLY A 32 -12.49 -12.33 9.20
N GLU A 33 -12.97 -13.09 10.18
CA GLU A 33 -12.70 -14.53 10.29
C GLU A 33 -11.21 -14.78 10.54
N VAL A 34 -10.79 -14.50 11.78
CA VAL A 34 -9.39 -14.58 12.20
C VAL A 34 -9.15 -15.79 13.11
N PHE A 35 -8.17 -16.61 12.79
CA PHE A 35 -7.84 -17.79 13.60
C PHE A 35 -6.49 -17.61 14.29
N LYS A 36 -6.34 -18.15 15.50
CA LYS A 36 -5.02 -18.35 16.05
C LYS A 36 -4.55 -19.66 15.44
N ALA A 37 -3.27 -19.78 15.18
CA ALA A 37 -2.79 -21.02 14.63
C ALA A 37 -1.34 -21.26 14.95
N ARG A 38 -0.92 -22.48 14.69
CA ARG A 38 0.37 -22.99 15.10
C ARG A 38 1.06 -23.61 13.90
N HIS A 39 2.29 -23.19 13.64
CA HIS A 39 3.07 -23.79 12.58
C HIS A 39 3.34 -25.26 12.90
N ARG A 40 3.01 -26.15 11.97
CA ARG A 40 3.05 -27.59 12.26
C ARG A 40 4.46 -28.15 12.50
N LYS A 41 5.47 -27.31 12.47
CA LYS A 41 6.82 -27.84 12.59
C LYS A 41 7.61 -27.22 13.74
N THR A 42 7.29 -25.96 14.05
CA THR A 42 8.06 -25.18 15.00
C THR A 42 7.23 -24.71 16.18
N GLY A 43 5.92 -24.87 16.05
CA GLY A 43 5.00 -24.54 17.12
C GLY A 43 4.77 -23.04 17.19
N GLN A 44 5.46 -22.31 16.32
CA GLN A 44 5.30 -20.85 16.27
C GLN A 44 3.85 -20.45 16.06
N LYS A 45 3.36 -19.55 16.90
CA LYS A 45 1.96 -19.19 16.83
C LYS A 45 1.80 -18.00 15.90
N VAL A 46 0.66 -17.93 15.22
CA VAL A 46 0.37 -16.87 14.27
C VAL A 46 -1.11 -16.54 14.26
N ALA A 47 -1.46 -15.47 13.56
CA ALA A 47 -2.86 -15.15 13.32
C ALA A 47 -3.13 -15.29 11.82
N LEU A 48 -4.22 -15.95 11.46
CA LEU A 48 -4.59 -16.09 10.08
C LEU A 48 -5.84 -15.26 9.86
N LYS A 49 -5.72 -14.26 9.00
CA LYS A 49 -6.87 -13.47 8.63
C LYS A 49 -7.25 -13.85 7.19
N LYS A 50 -8.32 -14.61 7.03
CA LYS A 50 -8.78 -15.03 5.70
C LYS A 50 -9.35 -13.82 4.97
N VAL A 51 -9.09 -13.72 3.67
CA VAL A 51 -9.62 -12.60 2.89
C VAL A 51 -11.07 -12.84 2.52
N LEU A 52 -11.93 -11.96 3.04
CA LEU A 52 -13.37 -12.18 3.05
C LEU A 52 -13.91 -12.81 1.77
N MET A 53 -14.02 -12.03 0.70
CA MET A 53 -14.54 -12.56 -0.58
C MET A 53 -16.07 -12.72 -0.67
N GLU A 54 -16.83 -12.07 0.21
CA GLU A 54 -18.27 -12.37 0.33
C GLU A 54 -18.93 -12.54 -1.03
N ASN A 55 -19.12 -11.45 -1.74
CA ASN A 55 -19.54 -11.52 -3.13
C ASN A 55 -18.33 -11.31 -4.04
N GLU A 56 -17.82 -10.08 -4.05
CA GLU A 56 -16.60 -9.75 -4.79
C GLU A 56 -16.70 -10.21 -6.25
N LYS A 57 -17.34 -9.38 -7.05
CA LYS A 57 -17.59 -9.75 -8.44
C LYS A 57 -16.60 -9.06 -9.36
N GLU A 58 -15.56 -8.52 -8.76
CA GLU A 58 -14.53 -7.80 -9.50
C GLU A 58 -13.15 -8.39 -9.26
N GLY A 59 -13.08 -9.71 -9.07
CA GLY A 59 -11.80 -10.36 -8.87
C GLY A 59 -11.26 -10.24 -7.45
N PHE A 60 -9.95 -10.32 -7.29
CA PHE A 60 -9.35 -10.19 -5.96
C PHE A 60 -9.67 -8.80 -5.43
N PRO A 61 -10.16 -8.73 -4.19
CA PRO A 61 -10.72 -7.48 -3.67
C PRO A 61 -9.70 -6.37 -3.61
N ILE A 62 -10.05 -5.24 -4.21
CA ILE A 62 -9.12 -4.12 -4.27
C ILE A 62 -8.71 -3.64 -2.87
N THR A 63 -9.66 -3.58 -1.93
CA THR A 63 -9.33 -3.13 -0.59
C THR A 63 -8.38 -4.09 0.13
N ALA A 64 -8.37 -5.36 -0.27
CA ALA A 64 -7.40 -6.31 0.28
C ALA A 64 -6.01 -6.08 -0.27
N LEU A 65 -5.93 -5.74 -1.56
CA LEU A 65 -4.66 -5.38 -2.17
C LEU A 65 -4.06 -4.17 -1.48
N ARG A 66 -4.94 -3.24 -1.14
CA ARG A 66 -4.56 -2.02 -0.45
C ARG A 66 -3.95 -2.39 0.90
N GLU A 67 -4.67 -3.21 1.67
CA GLU A 67 -4.23 -3.63 2.99
C GLU A 67 -2.89 -4.37 2.91
N ILE A 68 -2.81 -5.35 2.03
CA ILE A 68 -1.56 -6.05 1.79
C ILE A 68 -0.42 -5.14 1.36
N LYS A 69 -0.72 -4.09 0.62
CA LYS A 69 0.35 -3.17 0.23
C LYS A 69 0.86 -2.48 1.48
N ILE A 70 -0.08 -1.96 2.27
CA ILE A 70 0.29 -1.21 3.45
C ILE A 70 1.04 -2.04 4.52
N LEU A 71 0.56 -3.25 4.79
CA LEU A 71 1.27 -4.12 5.72
C LEU A 71 2.69 -4.41 5.26
N GLN A 72 2.90 -4.53 3.95
CA GLN A 72 4.23 -4.82 3.42
C GLN A 72 5.18 -3.64 3.54
N LEU A 73 4.61 -2.45 3.62
CA LEU A 73 5.40 -1.25 3.64
C LEU A 73 5.72 -0.89 5.08
N LEU A 74 4.82 -1.21 5.99
CA LEU A 74 4.99 -0.89 7.41
C LEU A 74 5.76 -1.97 8.18
N LYS A 75 7.03 -1.71 8.44
CA LYS A 75 7.84 -2.66 9.19
C LYS A 75 8.44 -1.94 10.38
N HIS A 76 7.94 -2.24 11.56
CA HIS A 76 8.27 -1.43 12.72
C HIS A 76 7.80 -2.11 14.00
N GLU A 77 8.53 -1.89 15.09
CA GLU A 77 8.28 -2.61 16.33
C GLU A 77 6.87 -2.42 16.90
N ASN A 78 6.25 -1.31 16.57
CA ASN A 78 4.91 -1.07 17.07
C ASN A 78 3.80 -1.25 16.03
N VAL A 79 4.11 -1.93 14.95
CA VAL A 79 3.09 -2.24 13.99
C VAL A 79 3.04 -3.74 13.81
N VAL A 80 1.83 -4.26 13.66
CA VAL A 80 1.65 -5.68 13.52
C VAL A 80 2.51 -6.13 12.34
N ASN A 81 2.81 -7.42 12.26
CA ASN A 81 3.78 -7.90 11.30
C ASN A 81 3.27 -9.01 10.41
N LEU A 82 3.05 -8.67 9.14
CA LEU A 82 2.65 -9.63 8.14
C LEU A 82 3.87 -10.47 7.81
N ILE A 83 3.75 -11.78 7.98
CA ILE A 83 4.83 -12.71 7.76
C ILE A 83 4.81 -13.18 6.32
N GLU A 84 3.61 -13.51 5.85
CA GLU A 84 3.42 -14.05 4.53
C GLU A 84 1.95 -14.06 4.19
N ILE A 85 1.64 -14.40 2.94
CA ILE A 85 0.26 -14.60 2.52
C ILE A 85 0.17 -16.02 1.98
N CYS A 86 -0.92 -16.71 2.29
CA CYS A 86 -0.99 -18.14 2.00
C CYS A 86 -2.25 -18.45 1.23
N ARG A 87 -2.19 -19.54 0.47
CA ARG A 87 -3.34 -19.99 -0.31
C ARG A 87 -3.89 -21.34 0.20
N THR A 88 -4.81 -21.93 -0.57
CA THR A 88 -5.49 -23.13 -0.14
C THR A 88 -5.32 -24.33 -1.06
N LYS A 89 -5.55 -24.11 -2.36
CA LYS A 89 -5.61 -25.17 -3.39
C LYS A 89 -7.03 -25.73 -3.55
N LYS A 97 -13.10 -23.45 -4.57
CA LYS A 97 -13.11 -22.01 -4.85
C LYS A 97 -11.73 -21.38 -4.69
N GLY A 98 -11.02 -21.76 -3.63
CA GLY A 98 -9.73 -21.18 -3.32
C GLY A 98 -9.86 -20.05 -2.31
N SER A 99 -8.91 -19.94 -1.40
CA SER A 99 -8.95 -18.92 -0.34
C SER A 99 -7.58 -18.28 -0.16
N ILE A 100 -7.57 -17.07 0.37
CA ILE A 100 -6.32 -16.38 0.66
C ILE A 100 -6.24 -15.97 2.12
N TYR A 101 -5.16 -16.31 2.79
CA TYR A 101 -4.97 -15.95 4.18
C TYR A 101 -3.75 -15.01 4.35
N LEU A 102 -3.96 -13.93 5.11
CA LEU A 102 -2.91 -13.05 5.59
C LEU A 102 -2.38 -13.60 6.92
N VAL A 103 -1.08 -13.90 7.00
CA VAL A 103 -0.49 -14.52 8.17
C VAL A 103 0.32 -13.53 9.03
N PHE A 104 -0.10 -13.32 10.27
CA PHE A 104 0.61 -12.39 11.19
C PHE A 104 1.38 -13.10 12.33
N ASP A 105 2.42 -12.45 12.87
CA ASP A 105 3.04 -12.91 14.13
C ASP A 105 1.98 -12.78 15.20
N PHE A 106 1.70 -13.86 15.91
CA PHE A 106 0.67 -13.82 16.96
C PHE A 106 1.05 -12.93 18.15
N CYS A 107 0.01 -12.42 18.80
CA CYS A 107 0.13 -11.50 19.92
C CYS A 107 -0.94 -11.90 20.92
N GLU A 108 -0.55 -12.20 22.15
CA GLU A 108 -1.49 -12.79 23.10
C GLU A 108 -2.66 -11.88 23.53
N HIS A 109 -2.41 -10.59 23.68
CA HIS A 109 -3.41 -9.71 24.27
C HIS A 109 -3.78 -8.57 23.36
N ASP A 110 -5.01 -8.06 23.54
CA ASP A 110 -5.33 -6.74 23.03
C ASP A 110 -5.83 -5.82 24.13
N LEU A 111 -5.85 -4.52 23.84
CA LEU A 111 -6.04 -3.50 24.86
C LEU A 111 -7.49 -3.42 25.29
N ALA A 112 -8.39 -3.97 24.47
CA ALA A 112 -9.80 -4.01 24.84
C ALA A 112 -10.01 -5.10 25.87
N GLY A 113 -9.39 -6.26 25.62
CA GLY A 113 -9.43 -7.38 26.54
C GLY A 113 -8.88 -7.04 27.92
N LEU A 114 -7.78 -6.30 27.93
CA LEU A 114 -7.14 -5.92 29.19
C LEU A 114 -7.87 -4.79 29.94
N LEU A 115 -8.45 -3.86 29.19
CA LEU A 115 -9.15 -2.74 29.79
C LEU A 115 -10.48 -3.13 30.40
N SER A 116 -11.06 -4.24 29.92
CA SER A 116 -12.35 -4.69 30.42
C SER A 116 -12.17 -5.64 31.60
N ASN A 117 -11.18 -6.53 31.48
CA ASN A 117 -10.84 -7.47 32.55
C ASN A 117 -10.36 -6.78 33.83
N VAL A 118 -11.15 -6.90 34.90
CA VAL A 118 -10.87 -6.19 36.15
C VAL A 118 -9.74 -6.82 36.99
N LEU A 119 -9.30 -8.02 36.60
CA LEU A 119 -8.12 -8.67 37.18
C LEU A 119 -6.82 -8.00 36.72
N VAL A 120 -6.92 -6.95 35.92
CA VAL A 120 -5.76 -6.34 35.29
C VAL A 120 -5.65 -4.89 35.69
N LYS A 121 -4.45 -4.46 36.07
CA LYS A 121 -4.28 -3.11 36.55
C LYS A 121 -2.98 -2.50 36.06
N PHE A 122 -3.03 -1.22 35.72
CA PHE A 122 -1.87 -0.54 35.19
C PHE A 122 -1.33 0.50 36.17
N THR A 123 -0.06 0.37 36.51
CA THR A 123 0.63 1.45 37.22
C THR A 123 0.70 2.66 36.29
N LEU A 124 0.76 3.86 36.85
CA LEU A 124 0.90 5.05 36.02
C LEU A 124 1.99 4.90 34.95
N SER A 125 3.14 4.37 35.35
CA SER A 125 4.29 4.26 34.46
C SER A 125 4.07 3.27 33.31
N GLU A 126 3.32 2.22 33.58
CA GLU A 126 3.01 1.23 32.54
C GLU A 126 2.14 1.91 31.48
N ILE A 127 1.05 2.50 31.94
CA ILE A 127 0.22 3.32 31.07
C ILE A 127 1.10 4.21 30.20
N LYS A 128 1.96 5.01 30.84
CA LYS A 128 2.93 5.83 30.12
C LYS A 128 3.63 5.07 28.99
N ARG A 129 4.06 3.84 29.26
CA ARG A 129 4.75 3.08 28.24
C ARG A 129 3.79 2.75 27.11
N VAL A 130 2.61 2.27 27.48
CA VAL A 130 1.60 1.94 26.49
C VAL A 130 1.40 3.14 25.55
N MET A 131 1.13 4.31 26.10
CA MET A 131 0.94 5.50 25.26
C MET A 131 2.17 5.79 24.41
N GLN A 132 3.34 5.69 25.01
CA GLN A 132 4.58 5.92 24.28
C GLN A 132 4.66 5.00 23.06
N MET A 133 4.37 3.72 23.23
CA MET A 133 4.48 2.79 22.13
C MET A 133 3.44 3.13 21.08
N LEU A 134 2.20 3.28 21.50
CA LEU A 134 1.12 3.69 20.61
C LEU A 134 1.46 4.96 19.82
N LEU A 135 1.88 6.02 20.50
CA LEU A 135 2.22 7.23 19.77
C LEU A 135 3.41 7.01 18.84
N ASN A 136 4.36 6.20 19.27
CA ASN A 136 5.54 5.97 18.45
C ASN A 136 5.16 5.33 17.13
N GLY A 137 4.28 4.34 17.21
CA GLY A 137 3.75 3.68 16.02
C GLY A 137 2.95 4.60 15.12
N LEU A 138 2.18 5.52 15.70
CA LEU A 138 1.51 6.50 14.87
C LEU A 138 2.53 7.39 14.15
N TYR A 139 3.63 7.73 14.82
CA TYR A 139 4.69 8.54 14.20
C TYR A 139 5.18 7.82 12.97
N TYR A 140 5.36 6.51 13.12
CA TYR A 140 5.96 5.73 12.06
C TYR A 140 5.05 5.66 10.86
N ILE A 141 3.78 5.34 11.08
CA ILE A 141 2.88 5.12 9.94
C ILE A 141 2.62 6.43 9.22
N HIS A 142 2.33 7.48 9.97
CA HIS A 142 2.13 8.79 9.37
C HIS A 142 3.33 9.29 8.56
N ARG A 143 4.53 9.00 9.07
CA ARG A 143 5.76 9.36 8.36
C ARG A 143 5.74 8.66 7.03
N ASN A 144 5.18 7.45 7.00
CA ASN A 144 5.12 6.67 5.77
C ASN A 144 3.85 6.91 4.98
N LYS A 145 3.19 8.03 5.30
CA LYS A 145 2.11 8.54 4.48
C LYS A 145 0.89 7.63 4.54
N ILE A 146 0.69 6.99 5.69
CA ILE A 146 -0.45 6.11 5.87
C ILE A 146 -1.36 6.63 6.97
N LEU A 147 -2.68 6.52 6.76
CA LEU A 147 -3.66 6.75 7.83
C LEU A 147 -4.26 5.43 8.27
N HIS A 148 -4.36 5.22 9.59
CA HIS A 148 -4.88 3.97 10.11
C HIS A 148 -6.39 3.90 9.94
N ARG A 149 -7.05 4.99 10.35
CA ARG A 149 -8.48 5.18 10.14
C ARG A 149 -9.37 4.20 10.86
N ASP A 150 -8.90 3.62 11.96
CA ASP A 150 -9.71 2.66 12.69
C ASP A 150 -9.09 2.42 14.06
N MET A 151 -8.66 3.51 14.67
CA MET A 151 -8.10 3.45 15.99
C MET A 151 -9.17 3.06 16.99
N LYS A 152 -8.88 2.04 17.79
CA LYS A 152 -9.77 1.63 18.87
C LYS A 152 -9.05 0.56 19.66
N ALA A 153 -9.16 0.61 20.98
CA ALA A 153 -8.41 -0.29 21.83
C ALA A 153 -8.37 -1.71 21.30
N ALA A 154 -9.42 -2.13 20.60
CA ALA A 154 -9.50 -3.50 20.10
C ALA A 154 -8.38 -3.80 19.10
N ASN A 155 -8.03 -2.78 18.34
CA ASN A 155 -6.99 -2.88 17.33
C ASN A 155 -5.57 -2.62 17.87
N VAL A 156 -5.45 -2.44 19.18
CA VAL A 156 -4.15 -2.26 19.79
C VAL A 156 -3.77 -3.56 20.51
N LEU A 157 -2.80 -4.28 19.98
CA LEU A 157 -2.42 -5.54 20.60
C LEU A 157 -1.20 -5.35 21.48
N ILE A 158 -0.91 -6.36 22.28
CA ILE A 158 0.33 -6.42 23.04
C ILE A 158 0.82 -7.86 23.07
N THR A 159 2.13 -8.05 22.94
CA THR A 159 2.72 -9.39 22.95
C THR A 159 3.01 -9.86 24.37
N ARG A 160 3.36 -11.13 24.50
CA ARG A 160 3.76 -11.67 25.80
C ARG A 160 4.82 -10.75 26.39
N ASP A 161 5.84 -10.42 25.61
CA ASP A 161 6.96 -9.65 26.13
C ASP A 161 6.67 -8.16 26.29
N GLY A 162 5.40 -7.79 26.27
CA GLY A 162 5.00 -6.41 26.52
C GLY A 162 5.23 -5.38 25.42
N VAL A 163 5.24 -5.83 24.17
CA VAL A 163 5.40 -4.92 23.05
C VAL A 163 4.04 -4.62 22.43
N LEU A 164 3.67 -3.34 22.39
CA LEU A 164 2.40 -2.92 21.80
C LEU A 164 2.48 -2.78 20.28
N LYS A 165 1.44 -3.23 19.59
CA LYS A 165 1.45 -3.18 18.14
C LYS A 165 0.10 -2.74 17.63
N LEU A 166 0.08 -1.75 16.75
CA LEU A 166 -1.17 -1.34 16.13
C LEU A 166 -1.50 -2.35 15.05
N ALA A 167 -2.77 -2.69 14.92
CA ALA A 167 -3.17 -3.73 13.96
C ALA A 167 -4.44 -3.41 13.18
N ASP A 168 -4.81 -4.36 12.33
CA ASP A 168 -5.99 -4.24 11.50
C ASP A 168 -5.89 -2.97 10.66
N PHE A 169 -5.17 -3.07 9.57
CA PHE A 169 -5.08 -2.01 8.59
C PHE A 169 -6.06 -2.21 7.43
N GLY A 170 -7.15 -2.93 7.70
CA GLY A 170 -8.14 -3.23 6.67
C GLY A 170 -8.86 -1.99 6.13
N LEU A 171 -8.87 -0.94 6.94
CA LEU A 171 -9.43 0.35 6.56
C LEU A 171 -8.35 1.39 6.23
N ALA A 172 -7.10 1.04 6.45
CA ALA A 172 -6.02 2.01 6.27
C ALA A 172 -5.93 2.45 4.82
N ARG A 173 -5.43 3.66 4.59
CA ARG A 173 -5.13 4.13 3.24
C ARG A 173 -3.97 5.12 3.25
N ALA A 174 -3.34 5.30 2.09
CA ALA A 174 -2.26 6.29 1.95
C ALA A 174 -2.81 7.69 1.74
N PHE A 175 -2.03 8.69 2.09
CA PHE A 175 -2.50 10.07 1.95
C PHE A 175 -1.43 10.93 1.34
N SER A 176 -1.86 12.04 0.75
CA SER A 176 -0.99 12.84 -0.08
C SER A 176 -0.94 14.29 0.39
N LEU A 177 0.18 14.94 0.10
CA LEU A 177 0.35 16.35 0.33
C LEU A 177 -0.57 17.08 -0.66
N ALA A 178 -1.62 17.67 -0.14
CA ALA A 178 -2.70 18.19 -0.97
C ALA A 178 -2.47 19.62 -1.46
N LYS A 179 -1.59 19.79 -2.43
CA LYS A 179 -1.42 21.08 -3.09
C LYS A 179 -1.85 21.00 -4.55
N ASN A 180 -1.53 22.05 -5.33
CA ASN A 180 -2.00 22.18 -6.71
C ASN A 180 -3.45 22.66 -6.73
N SER A 181 -3.88 23.28 -5.64
CA SER A 181 -5.24 23.82 -5.50
C SER A 181 -6.33 22.81 -5.80
N GLN A 182 -6.23 21.63 -5.21
CA GLN A 182 -7.25 20.59 -5.35
C GLN A 182 -7.33 19.69 -4.12
N PRO A 183 -8.15 20.10 -3.13
CA PRO A 183 -8.33 19.29 -1.92
C PRO A 183 -8.69 17.85 -2.22
N ASN A 184 -8.27 16.94 -1.34
CA ASN A 184 -8.48 15.51 -1.54
C ASN A 184 -9.93 15.09 -1.39
N ARG A 185 -10.27 13.94 -1.94
CA ARG A 185 -11.58 13.36 -1.70
C ARG A 185 -11.39 11.98 -1.11
N TYR A 186 -11.25 11.92 0.22
CA TYR A 186 -11.13 10.62 0.88
C TYR A 186 -12.49 10.22 1.43
N TPO A 187 -12.67 8.92 1.62
CA TPO A 187 -13.92 8.36 2.21
CB TPO A 187 -13.60 6.87 2.26
CG2 TPO A 187 -14.82 5.99 2.09
OG1 TPO A 187 -12.77 6.72 1.11
P TPO A 187 -11.86 5.44 0.79
O1P TPO A 187 -10.50 6.08 0.78
O2P TPO A 187 -12.15 4.42 1.89
O3P TPO A 187 -12.34 5.07 -0.60
C TPO A 187 -14.21 8.92 3.57
O TPO A 187 -13.31 9.00 4.41
N ASN A 188 -15.43 9.34 3.81
CA ASN A 188 -15.74 10.01 5.06
C ASN A 188 -16.14 9.09 6.20
N ARG A 189 -17.01 8.14 5.91
CA ARG A 189 -17.51 7.21 6.90
C ARG A 189 -16.44 6.19 7.35
N VAL A 190 -15.31 6.69 7.85
CA VAL A 190 -14.27 5.83 8.40
C VAL A 190 -14.18 5.92 9.92
N VAL A 191 -13.52 4.94 10.52
CA VAL A 191 -13.32 4.91 11.98
C VAL A 191 -14.62 4.63 12.73
N THR A 192 -14.56 3.68 13.66
CA THR A 192 -15.66 3.39 14.58
C THR A 192 -16.28 4.68 15.07
N LEU A 193 -17.56 4.63 15.40
CA LEU A 193 -18.25 5.84 15.83
C LEU A 193 -17.62 6.45 17.08
N TRP A 194 -17.43 5.65 18.13
CA TRP A 194 -16.98 6.18 19.42
C TRP A 194 -15.59 6.83 19.34
N TYR A 195 -14.71 6.24 18.53
CA TYR A 195 -13.36 6.75 18.39
C TYR A 195 -13.22 7.62 17.16
N ARG A 196 -14.35 7.97 16.54
CA ARG A 196 -14.33 8.88 15.40
C ARG A 196 -14.24 10.33 15.88
N PRO A 197 -13.51 11.17 15.14
CA PRO A 197 -13.28 12.60 15.43
C PRO A 197 -14.29 13.50 14.76
N PRO A 198 -14.43 14.75 15.25
CA PRO A 198 -15.43 15.68 14.73
C PRO A 198 -15.31 15.91 13.23
N GLU A 199 -14.09 16.08 12.71
CA GLU A 199 -13.90 16.42 11.30
C GLU A 199 -14.75 15.55 10.42
N LEU A 200 -14.81 14.27 10.76
CA LEU A 200 -15.46 13.30 9.90
C LEU A 200 -16.99 13.37 10.02
N LEU A 201 -17.47 13.59 11.24
CA LEU A 201 -18.90 13.76 11.46
C LEU A 201 -19.43 14.97 10.70
N LEU A 202 -18.66 16.06 10.71
CA LEU A 202 -19.02 17.25 9.94
C LEU A 202 -18.79 17.02 8.44
N GLY A 203 -18.53 15.78 8.06
CA GLY A 203 -18.34 15.43 6.66
C GLY A 203 -17.08 16.00 6.01
N GLU A 204 -15.94 15.89 6.67
CA GLU A 204 -14.69 16.31 6.04
C GLU A 204 -14.16 15.23 5.11
N ARG A 205 -13.55 15.65 4.01
CA ARG A 205 -12.95 14.72 3.05
C ARG A 205 -11.49 15.06 2.76
N ASP A 206 -11.02 16.16 3.34
CA ASP A 206 -9.61 16.53 3.28
C ASP A 206 -9.05 16.45 4.71
N TYR A 207 -8.96 15.23 5.21
CA TYR A 207 -8.48 15.01 6.55
C TYR A 207 -7.11 14.36 6.48
N GLY A 208 -6.45 14.26 7.63
CA GLY A 208 -5.12 13.69 7.67
C GLY A 208 -4.76 12.98 8.96
N PRO A 209 -3.45 12.82 9.21
CA PRO A 209 -2.95 12.20 10.43
C PRO A 209 -3.75 12.54 11.68
N PRO A 210 -4.28 13.78 11.79
CA PRO A 210 -4.99 14.09 13.03
C PRO A 210 -6.16 13.18 13.39
N ILE A 211 -6.81 12.53 12.43
CA ILE A 211 -7.95 11.70 12.78
C ILE A 211 -7.57 10.49 13.63
N ASP A 212 -6.31 10.08 13.55
CA ASP A 212 -5.81 8.95 14.34
C ASP A 212 -5.43 9.44 15.72
N LEU A 213 -4.90 10.64 15.80
CA LEU A 213 -4.49 11.20 17.07
C LEU A 213 -5.66 11.32 18.01
N TRP A 214 -6.82 11.69 17.46
CA TRP A 214 -8.05 11.74 18.23
C TRP A 214 -8.37 10.36 18.79
N GLY A 215 -8.34 9.34 17.93
CA GLY A 215 -8.47 7.98 18.42
C GLY A 215 -7.56 7.76 19.62
N ALA A 216 -6.29 8.15 19.48
CA ALA A 216 -5.30 7.93 20.52
C ALA A 216 -5.69 8.63 21.82
N GLY A 217 -6.44 9.72 21.70
CA GLY A 217 -6.95 10.39 22.87
C GLY A 217 -7.97 9.50 23.55
N CYS A 218 -9.06 9.22 22.86
CA CYS A 218 -10.09 8.36 23.39
C CYS A 218 -9.48 7.14 24.05
N ILE A 219 -8.35 6.67 23.53
CA ILE A 219 -7.68 5.52 24.14
C ILE A 219 -6.90 5.89 25.40
N MET A 220 -6.28 7.07 25.42
CA MET A 220 -5.56 7.48 26.62
C MET A 220 -6.51 7.39 27.81
N ALA A 221 -7.69 7.99 27.65
CA ALA A 221 -8.65 8.05 28.75
C ALA A 221 -9.19 6.66 29.09
N GLU A 222 -9.41 5.85 28.06
CA GLU A 222 -9.89 4.49 28.24
C GLU A 222 -8.89 3.67 29.07
N MET A 223 -7.73 4.25 29.33
CA MET A 223 -6.70 3.56 30.10
C MET A 223 -6.96 3.73 31.59
N TRP A 224 -7.71 4.77 31.92
CA TRP A 224 -8.11 5.02 33.31
C TRP A 224 -9.58 4.68 33.52
N THR A 225 -10.44 5.10 32.61
CA THR A 225 -11.88 4.87 32.74
C THR A 225 -12.26 3.43 32.38
N ARG A 226 -11.28 2.66 31.93
CA ARG A 226 -11.52 1.26 31.56
C ARG A 226 -12.70 1.10 30.60
N SER A 227 -13.20 2.21 30.07
CA SER A 227 -14.41 2.21 29.25
C SER A 227 -14.42 3.34 28.22
N PRO A 228 -14.69 3.00 26.95
CA PRO A 228 -14.81 4.00 25.88
C PRO A 228 -15.61 5.20 26.37
N ILE A 229 -14.95 6.35 26.38
CA ILE A 229 -15.44 7.51 27.11
C ILE A 229 -16.62 8.24 26.48
N MET A 230 -16.88 7.99 25.20
CA MET A 230 -17.98 8.67 24.51
C MET A 230 -18.76 7.69 23.64
N GLN A 231 -19.74 7.02 24.24
CA GLN A 231 -20.56 6.06 23.51
C GLN A 231 -21.82 6.73 22.94
N GLY A 232 -21.97 6.64 21.63
CA GLY A 232 -23.09 7.27 20.96
C GLY A 232 -23.88 6.29 20.12
N ASN A 233 -25.19 6.54 20.01
CA ASN A 233 -26.07 5.71 19.18
C ASN A 233 -25.84 5.97 17.69
N THR A 234 -25.82 7.24 17.30
CA THR A 234 -25.58 7.61 15.92
C THR A 234 -24.64 8.82 15.78
N GLU A 235 -24.34 9.21 14.54
CA GLU A 235 -23.45 10.33 14.27
C GLU A 235 -23.92 11.64 14.92
N GLN A 236 -25.22 11.77 15.14
CA GLN A 236 -25.77 12.97 15.78
C GLN A 236 -25.70 12.92 17.30
N HIS A 237 -25.98 11.75 17.87
CA HIS A 237 -25.83 11.58 19.32
C HIS A 237 -24.35 11.73 19.67
N GLN A 238 -23.48 11.18 18.82
CA GLN A 238 -22.06 11.28 19.05
C GLN A 238 -21.64 12.73 19.10
N LEU A 239 -21.82 13.42 17.98
CA LEU A 239 -21.29 14.78 17.84
C LEU A 239 -21.72 15.70 18.99
N ALA A 240 -22.89 15.45 19.56
CA ALA A 240 -23.31 16.21 20.73
C ALA A 240 -22.47 15.80 21.93
N LEU A 241 -22.38 14.49 22.15
CA LEU A 241 -21.65 13.92 23.27
C LEU A 241 -20.20 14.40 23.31
N ILE A 242 -19.62 14.62 22.13
CA ILE A 242 -18.29 15.19 22.02
C ILE A 242 -18.31 16.63 22.52
N SER A 243 -19.25 17.42 22.01
CA SER A 243 -19.39 18.81 22.41
C SER A 243 -19.73 18.94 23.89
N GLN A 244 -20.29 17.86 24.45
CA GLN A 244 -20.58 17.83 25.89
C GLN A 244 -19.35 17.40 26.67
N LEU A 245 -18.19 17.60 26.06
CA LEU A 245 -16.91 17.32 26.70
C LEU A 245 -15.84 18.34 26.28
N CYS A 246 -15.88 18.78 25.03
CA CYS A 246 -14.82 19.64 24.48
C CYS A 246 -15.17 21.12 24.31
N GLY A 247 -16.46 21.44 24.41
CA GLY A 247 -16.93 22.79 24.17
C GLY A 247 -17.75 22.83 22.90
N SER A 248 -18.37 23.96 22.63
CA SER A 248 -19.18 24.06 21.42
C SER A 248 -18.30 24.36 20.22
N ILE A 249 -18.63 23.75 19.10
CA ILE A 249 -17.91 23.98 17.87
C ILE A 249 -18.26 25.37 17.32
N THR A 250 -17.26 26.24 17.24
CA THR A 250 -17.46 27.62 16.79
C THR A 250 -16.23 28.12 16.04
N PRO A 251 -16.43 29.05 15.08
CA PRO A 251 -15.28 29.64 14.41
C PRO A 251 -14.30 30.24 15.42
N GLU A 252 -14.81 30.66 16.58
CA GLU A 252 -13.97 31.22 17.63
C GLU A 252 -12.95 30.20 18.11
N VAL A 253 -13.43 29.02 18.48
CA VAL A 253 -12.58 27.94 18.95
C VAL A 253 -11.93 27.20 17.77
N TRP A 254 -12.65 27.14 16.65
CA TRP A 254 -12.25 26.34 15.49
C TRP A 254 -12.44 27.13 14.17
N PRO A 255 -11.45 27.97 13.81
CA PRO A 255 -11.54 28.84 12.63
C PRO A 255 -12.09 28.16 11.38
N ASN A 256 -12.93 28.86 10.62
CA ASN A 256 -13.48 28.33 9.38
C ASN A 256 -14.27 27.02 9.50
N VAL A 257 -14.72 26.69 10.71
CA VAL A 257 -15.53 25.50 10.90
C VAL A 257 -16.91 25.71 10.30
N ASP A 258 -17.26 26.98 10.07
CA ASP A 258 -18.55 27.32 9.51
C ASP A 258 -18.76 26.65 8.16
N ASN A 259 -17.74 26.67 7.31
CA ASN A 259 -17.84 26.24 5.90
C ASN A 259 -18.35 24.81 5.67
N TYR A 260 -18.39 23.99 6.72
CA TYR A 260 -18.92 22.64 6.60
C TYR A 260 -20.43 22.71 6.44
N GLU A 261 -20.94 22.11 5.38
CA GLU A 261 -22.37 22.14 5.14
C GLU A 261 -23.16 21.77 6.40
N LEU A 262 -22.67 20.78 7.15
CA LEU A 262 -23.45 20.19 8.23
C LEU A 262 -23.34 20.92 9.57
N TYR A 263 -22.59 22.02 9.59
CA TYR A 263 -22.33 22.73 10.84
C TYR A 263 -23.63 23.20 11.51
N GLU A 264 -24.16 24.33 11.05
CA GLU A 264 -25.42 24.86 11.54
C GLU A 264 -26.56 24.03 10.99
N LYS A 265 -26.24 23.23 9.98
CA LYS A 265 -27.21 22.42 9.26
C LYS A 265 -27.38 21.05 9.92
N LEU A 266 -27.15 20.99 11.23
CA LEU A 266 -27.23 19.72 11.96
C LEU A 266 -27.62 19.96 13.42
N GLU A 267 -28.18 21.14 13.68
CA GLU A 267 -28.64 21.48 15.02
C GLU A 267 -27.59 21.05 16.04
N LEU A 268 -26.44 21.71 15.99
CA LEU A 268 -25.39 21.47 16.96
C LEU A 268 -25.66 22.31 18.20
N VAL A 269 -25.53 21.72 19.38
CA VAL A 269 -25.85 22.41 20.62
C VAL A 269 -24.99 23.66 20.82
N LYS A 270 -25.66 24.82 20.91
CA LYS A 270 -25.00 26.13 20.92
C LYS A 270 -24.22 26.44 22.20
N GLY A 271 -24.79 26.10 23.35
CA GLY A 271 -24.23 26.51 24.64
C GLY A 271 -23.48 25.44 25.40
N GLN A 272 -22.15 25.46 25.28
CA GLN A 272 -21.28 24.44 25.86
C GLN A 272 -19.83 24.94 26.03
N LYS A 273 -19.31 24.88 27.26
CA LYS A 273 -17.94 25.31 27.54
C LYS A 273 -17.04 24.14 27.94
N ARG A 274 -15.76 24.20 27.52
CA ARG A 274 -14.84 23.06 27.59
C ARG A 274 -14.67 22.39 28.95
N LYS A 275 -15.25 21.21 29.10
CA LYS A 275 -15.27 20.49 30.39
C LYS A 275 -14.53 19.15 30.32
N VAL A 276 -13.28 19.18 29.86
CA VAL A 276 -12.52 17.96 29.59
C VAL A 276 -11.59 17.53 30.71
N LYS A 277 -10.69 18.41 31.13
CA LYS A 277 -9.85 18.14 32.29
C LYS A 277 -10.75 17.78 33.48
N ASP A 278 -11.76 18.60 33.72
CA ASP A 278 -12.67 18.43 34.86
C ASP A 278 -13.41 17.09 34.92
N ARG A 279 -14.10 16.73 33.85
CA ARG A 279 -14.86 15.48 33.83
C ARG A 279 -13.96 14.25 33.91
N LEU A 280 -12.65 14.47 33.86
CA LEU A 280 -11.69 13.36 33.86
C LEU A 280 -10.77 13.30 35.08
N LYS A 281 -10.62 14.42 35.78
CA LYS A 281 -9.78 14.48 36.97
C LYS A 281 -10.05 13.30 37.92
N ALA A 282 -11.33 13.02 38.15
CA ALA A 282 -11.75 11.92 39.03
C ALA A 282 -11.13 10.55 38.69
N TYR A 283 -10.82 10.32 37.42
CA TYR A 283 -10.29 9.03 37.00
C TYR A 283 -8.76 9.06 36.92
N VAL A 284 -8.24 10.02 36.16
CA VAL A 284 -6.80 10.22 36.04
C VAL A 284 -6.32 11.34 36.97
N ARG A 285 -5.42 10.99 37.88
CA ARG A 285 -4.93 11.96 38.86
C ARG A 285 -3.79 12.80 38.30
N ASP A 286 -2.78 12.15 37.74
CA ASP A 286 -1.60 12.85 37.21
C ASP A 286 -1.95 14.02 36.27
N PRO A 287 -1.55 15.25 36.66
CA PRO A 287 -1.91 16.47 35.93
C PRO A 287 -1.25 16.53 34.58
N TYR A 288 -0.18 15.76 34.39
CA TYR A 288 0.50 15.70 33.10
C TYR A 288 -0.31 14.86 32.10
N ALA A 289 -0.77 13.69 32.56
CA ALA A 289 -1.65 12.85 31.74
C ALA A 289 -2.90 13.62 31.31
N LEU A 290 -3.52 14.33 32.25
CA LEU A 290 -4.66 15.17 31.95
C LEU A 290 -4.33 16.13 30.80
N ASP A 291 -3.22 16.87 30.93
CA ASP A 291 -2.85 17.87 29.93
C ASP A 291 -2.67 17.28 28.55
N LEU A 292 -2.07 16.09 28.49
CA LEU A 292 -1.88 15.43 27.19
C LEU A 292 -3.23 15.02 26.60
N ILE A 293 -4.02 14.29 27.38
CA ILE A 293 -5.36 13.91 26.95
C ILE A 293 -6.08 15.12 26.37
N ASP A 294 -5.86 16.26 27.00
CA ASP A 294 -6.51 17.50 26.57
C ASP A 294 -6.04 17.98 25.20
N LYS A 295 -4.72 17.95 24.97
CA LYS A 295 -4.18 18.46 23.73
C LYS A 295 -4.43 17.50 22.58
N LEU A 296 -4.86 16.30 22.91
CA LEU A 296 -5.21 15.30 21.90
C LEU A 296 -6.69 15.38 21.53
N LEU A 297 -7.53 15.71 22.50
CA LEU A 297 -8.97 15.81 22.26
C LEU A 297 -9.37 17.21 21.83
N VAL A 298 -8.45 17.89 21.17
CA VAL A 298 -8.75 19.20 20.62
C VAL A 298 -9.73 19.13 19.43
N LEU A 299 -10.67 20.06 19.36
CA LEU A 299 -11.67 20.07 18.30
C LEU A 299 -11.11 20.35 16.90
N ASP A 300 -10.36 21.43 16.76
CA ASP A 300 -9.78 21.81 15.47
C ASP A 300 -8.54 20.96 15.11
N PRO A 301 -8.66 20.12 14.07
CA PRO A 301 -7.57 19.24 13.64
C PRO A 301 -6.22 19.92 13.66
N ALA A 302 -6.10 21.00 12.89
CA ALA A 302 -4.82 21.68 12.78
C ALA A 302 -4.35 22.36 14.06
N GLN A 303 -5.15 22.25 15.13
CA GLN A 303 -4.73 22.72 16.46
C GLN A 303 -4.45 21.55 17.40
N ARG A 304 -4.82 20.36 16.97
CA ARG A 304 -4.62 19.15 17.76
C ARG A 304 -3.16 18.70 17.72
N ILE A 305 -2.68 18.15 18.84
CA ILE A 305 -1.28 17.78 18.99
C ILE A 305 -0.90 16.63 18.09
N ASP A 306 0.35 16.63 17.63
CA ASP A 306 0.80 15.53 16.75
C ASP A 306 1.69 14.52 17.49
N SER A 307 1.93 13.40 16.84
CA SER A 307 2.66 12.30 17.44
C SER A 307 4.03 12.71 17.98
N ASP A 308 4.79 13.42 17.14
CA ASP A 308 6.08 13.99 17.54
C ASP A 308 5.96 14.82 18.82
N ASP A 309 5.25 15.94 18.77
CA ASP A 309 5.06 16.78 19.95
C ASP A 309 4.44 16.02 21.13
N ALA A 310 3.54 15.10 20.84
CA ALA A 310 2.91 14.34 21.92
C ALA A 310 3.96 13.56 22.68
N LEU A 311 4.96 13.07 21.96
CA LEU A 311 6.00 12.24 22.56
C LEU A 311 7.00 13.06 23.38
N ASN A 312 7.14 14.34 23.05
CA ASN A 312 8.07 15.22 23.73
C ASN A 312 7.35 15.90 24.88
N HIS A 313 6.11 15.51 25.11
CA HIS A 313 5.29 16.08 26.18
C HIS A 313 5.81 15.65 27.57
N ASP A 314 5.74 16.57 28.53
CA ASP A 314 6.32 16.36 29.85
C ASP A 314 5.83 15.05 30.47
N PHE A 315 4.61 14.65 30.13
CA PHE A 315 4.05 13.39 30.58
C PHE A 315 5.06 12.24 30.53
N PHE A 316 5.78 12.12 29.41
CA PHE A 316 6.71 11.00 29.19
C PHE A 316 8.10 11.24 29.78
N TRP A 317 8.26 12.38 30.44
CA TRP A 317 9.56 12.77 30.99
C TRP A 317 9.43 13.29 32.43
N SER A 318 8.56 12.63 33.21
CA SER A 318 8.33 12.96 34.60
C SER A 318 8.36 11.69 35.42
N ASP A 319 8.61 11.81 36.72
CA ASP A 319 8.49 10.67 37.59
C ASP A 319 7.01 10.43 37.80
N PRO A 320 6.56 9.17 37.68
CA PRO A 320 7.38 7.97 37.40
C PRO A 320 7.68 7.80 35.92
N MET A 321 8.88 7.32 35.60
CA MET A 321 9.28 7.10 34.21
C MET A 321 8.59 5.90 33.60
N PRO A 322 8.42 5.90 32.28
CA PRO A 322 7.78 4.74 31.66
C PRO A 322 8.53 3.46 32.00
N SER A 323 7.79 2.46 32.44
CA SER A 323 8.36 1.18 32.81
C SER A 323 7.92 0.13 31.81
N ASP A 324 8.71 -0.94 31.68
CA ASP A 324 8.32 -2.06 30.84
C ASP A 324 7.07 -2.75 31.38
N LEU A 325 6.55 -3.72 30.63
CA LEU A 325 5.29 -4.36 30.99
C LEU A 325 5.46 -5.84 31.33
N LYS A 326 5.03 -6.20 32.53
CA LYS A 326 5.16 -7.54 33.07
C LYS A 326 3.95 -7.81 33.95
N GLY A 327 3.20 -6.75 34.23
CA GLY A 327 1.94 -6.90 34.93
C GLY A 327 0.88 -7.46 33.98
N MET A 328 1.25 -8.51 33.26
CA MET A 328 0.35 -9.14 32.29
C MET A 328 1.04 -10.25 31.51
N ASN B 9 14.26 -11.87 0.06
CA ASN B 9 14.72 -10.49 0.18
C ASN B 9 14.56 -9.71 -1.14
N ASN B 10 15.40 -8.69 -1.31
CA ASN B 10 15.30 -7.79 -2.47
C ASN B 10 16.20 -8.19 -3.65
N LYS B 11 16.46 -9.48 -3.77
CA LYS B 11 17.21 -10.04 -4.89
C LYS B 11 16.37 -11.13 -5.54
N ARG B 12 15.14 -11.28 -5.05
CA ARG B 12 14.27 -12.35 -5.50
C ARG B 12 13.81 -12.21 -6.94
N TRP B 13 13.51 -10.98 -7.37
CA TRP B 13 13.07 -10.72 -8.75
C TRP B 13 14.18 -10.21 -9.65
N TYR B 14 15.43 -10.41 -9.22
CA TYR B 14 16.59 -10.11 -10.08
C TYR B 14 17.35 -11.40 -10.42
N PHE B 15 17.75 -11.50 -11.68
CA PHE B 15 18.25 -12.74 -12.24
C PHE B 15 19.57 -12.56 -13.02
N THR B 16 20.31 -13.65 -13.16
CA THR B 16 21.57 -13.61 -13.88
C THR B 16 21.32 -13.87 -15.34
N ARG B 17 22.35 -13.69 -16.15
CA ARG B 17 22.26 -14.05 -17.55
C ARG B 17 21.93 -15.53 -17.66
N GLU B 18 22.62 -16.35 -16.86
CA GLU B 18 22.41 -17.79 -16.93
C GLU B 18 20.99 -18.18 -16.49
N GLN B 19 20.46 -17.46 -15.50
CA GLN B 19 19.12 -17.76 -15.05
C GLN B 19 18.12 -17.43 -16.16
N LEU B 20 18.29 -16.28 -16.80
CA LEU B 20 17.47 -15.90 -17.95
C LEU B 20 17.57 -16.90 -19.08
N GLU B 21 18.78 -17.41 -19.32
CA GLU B 21 18.96 -18.48 -20.27
C GLU B 21 18.03 -19.66 -19.93
N ASN B 22 18.17 -20.21 -18.71
CA ASN B 22 17.33 -21.35 -18.31
C ASN B 22 15.98 -21.02 -17.71
N SER B 23 15.17 -20.34 -18.51
CA SER B 23 13.82 -19.94 -18.11
C SER B 23 12.87 -21.12 -18.07
N PRO B 24 11.74 -20.94 -17.40
CA PRO B 24 10.71 -21.97 -17.44
C PRO B 24 10.32 -22.35 -18.87
N SER B 25 10.30 -21.35 -19.75
CA SER B 25 9.86 -21.56 -21.12
C SER B 25 10.88 -22.39 -21.88
N ARG B 26 12.16 -22.14 -21.59
CA ARG B 26 13.24 -22.89 -22.23
C ARG B 26 13.08 -24.39 -21.95
N ARG B 27 12.67 -24.72 -20.73
CA ARG B 27 12.59 -26.11 -20.31
C ARG B 27 11.38 -26.82 -20.93
N PHE B 28 10.72 -26.14 -21.86
CA PHE B 28 9.51 -26.69 -22.48
C PHE B 28 9.53 -26.71 -24.02
N GLY B 29 10.61 -26.18 -24.59
CA GLY B 29 10.85 -26.26 -26.03
C GLY B 29 11.09 -24.90 -26.70
N VAL B 30 11.01 -23.83 -25.92
CA VAL B 30 11.01 -22.48 -26.47
C VAL B 30 12.40 -21.87 -26.54
N ASP B 31 12.85 -21.51 -27.74
CA ASP B 31 14.14 -20.85 -27.93
C ASP B 31 14.18 -19.50 -27.24
N PRO B 32 15.37 -19.08 -26.81
CA PRO B 32 15.63 -17.74 -26.30
C PRO B 32 14.94 -16.71 -27.17
N ASP B 33 15.18 -16.81 -28.46
CA ASP B 33 14.72 -15.80 -29.39
C ASP B 33 13.19 -15.75 -29.45
N LYS B 34 12.57 -16.93 -29.45
CA LYS B 34 11.13 -17.01 -29.51
C LYS B 34 10.53 -16.39 -28.24
N GLU B 35 11.02 -16.84 -27.08
CA GLU B 35 10.55 -16.31 -25.80
C GLU B 35 10.65 -14.80 -25.74
N LEU B 36 11.80 -14.25 -26.13
CA LEU B 36 11.97 -12.81 -26.03
C LEU B 36 10.88 -12.07 -26.80
N SER B 37 10.38 -12.70 -27.85
CA SER B 37 9.41 -12.00 -28.68
C SER B 37 8.05 -12.18 -28.04
N TYR B 38 7.85 -13.34 -27.41
CA TYR B 38 6.64 -13.59 -26.64
C TYR B 38 6.40 -12.47 -25.62
N ARG B 39 7.47 -12.05 -24.93
CA ARG B 39 7.35 -10.93 -24.00
C ARG B 39 7.04 -9.66 -24.73
N GLN B 40 7.77 -9.41 -25.82
CA GLN B 40 7.54 -8.21 -26.60
C GLN B 40 6.06 -8.16 -27.04
N GLN B 41 5.55 -9.28 -27.53
CA GLN B 41 4.13 -9.34 -27.89
C GLN B 41 3.26 -8.98 -26.73
N ALA B 42 3.48 -9.63 -25.58
CA ALA B 42 2.59 -9.41 -24.45
C ALA B 42 2.64 -7.95 -24.04
N ALA B 43 3.86 -7.40 -24.03
CA ALA B 43 4.03 -5.99 -23.73
C ALA B 43 3.27 -5.08 -24.72
N ASN B 44 3.25 -5.44 -26.00
CA ASN B 44 2.47 -4.66 -26.97
C ASN B 44 1.00 -4.71 -26.59
N LEU B 45 0.48 -5.93 -26.43
CA LEU B 45 -0.91 -6.14 -26.05
C LEU B 45 -1.27 -5.34 -24.80
N LEU B 46 -0.38 -5.35 -23.82
CA LEU B 46 -0.57 -4.50 -22.67
C LEU B 46 -0.69 -3.03 -23.09
N GLN B 47 0.31 -2.50 -23.80
CA GLN B 47 0.26 -1.11 -24.21
C GLN B 47 -1.02 -0.79 -24.99
N ASP B 48 -1.44 -1.69 -25.87
CA ASP B 48 -2.60 -1.41 -26.69
C ASP B 48 -3.83 -1.37 -25.79
N MET B 49 -4.04 -2.41 -24.98
CA MET B 49 -5.19 -2.42 -24.09
C MET B 49 -5.20 -1.24 -23.12
N GLY B 50 -4.04 -0.96 -22.53
CA GLY B 50 -3.94 0.14 -21.60
C GLY B 50 -4.34 1.47 -22.22
N GLN B 51 -3.91 1.71 -23.46
CA GLN B 51 -4.30 2.95 -24.12
C GLN B 51 -5.81 3.00 -24.35
N ARG B 52 -6.41 1.91 -24.79
CA ARG B 52 -7.83 1.92 -25.03
C ARG B 52 -8.66 2.00 -23.75
N LEU B 53 -8.13 1.49 -22.64
CA LEU B 53 -8.88 1.50 -21.39
C LEU B 53 -8.60 2.82 -20.69
N ASN B 54 -7.72 3.60 -21.30
CA ASN B 54 -7.35 4.87 -20.72
C ASN B 54 -6.70 4.81 -19.36
N VAL B 55 -5.71 3.92 -19.20
CA VAL B 55 -4.94 3.93 -17.96
C VAL B 55 -3.58 4.55 -18.21
N SER B 56 -2.86 4.86 -17.14
CA SER B 56 -1.57 5.56 -17.26
C SER B 56 -0.42 4.67 -17.78
N GLN B 57 0.64 5.28 -18.29
CA GLN B 57 1.78 4.47 -18.70
C GLN B 57 2.37 3.77 -17.47
N LEU B 58 2.24 4.42 -16.33
CA LEU B 58 2.70 3.84 -15.10
C LEU B 58 1.99 2.50 -14.86
N THR B 59 0.67 2.50 -15.06
CA THR B 59 -0.10 1.29 -14.82
C THR B 59 0.30 0.21 -15.80
N ILE B 60 0.39 0.59 -17.06
CA ILE B 60 0.81 -0.35 -18.08
C ILE B 60 2.20 -0.95 -17.77
N ASN B 61 3.16 -0.10 -17.40
CA ASN B 61 4.47 -0.56 -16.96
C ASN B 61 4.38 -1.59 -15.83
N THR B 62 3.67 -1.24 -14.76
CA THR B 62 3.45 -2.21 -13.72
C THR B 62 3.00 -3.55 -14.32
N ALA B 63 2.04 -3.52 -15.23
CA ALA B 63 1.56 -4.77 -15.82
C ALA B 63 2.69 -5.52 -16.52
N ILE B 64 3.45 -4.79 -17.34
CA ILE B 64 4.57 -5.37 -18.06
C ILE B 64 5.57 -6.06 -17.11
N VAL B 65 5.87 -5.43 -15.97
CA VAL B 65 6.73 -6.04 -14.98
C VAL B 65 6.08 -7.30 -14.36
N TYR B 66 4.80 -7.20 -13.98
CA TYR B 66 4.10 -8.40 -13.53
C TYR B 66 4.30 -9.50 -14.58
N MET B 67 4.09 -9.14 -15.84
CA MET B 67 4.27 -10.07 -16.94
C MET B 67 5.70 -10.64 -17.00
N HIS B 68 6.71 -9.78 -16.97
CA HIS B 68 8.07 -10.27 -17.00
C HIS B 68 8.35 -11.22 -15.85
N ARG B 69 8.05 -10.79 -14.63
CA ARG B 69 8.35 -11.59 -13.45
C ARG B 69 7.61 -12.90 -13.53
N PHE B 70 6.34 -12.82 -13.95
CA PHE B 70 5.51 -14.00 -14.06
C PHE B 70 6.21 -15.08 -14.88
N TYR B 71 6.71 -14.71 -16.05
CA TYR B 71 7.36 -15.68 -16.94
C TYR B 71 8.78 -16.12 -16.55
N MET B 72 9.25 -15.67 -15.38
CA MET B 72 10.47 -16.22 -14.83
C MET B 72 10.12 -17.41 -13.90
N ILE B 73 8.81 -17.65 -13.74
CA ILE B 73 8.32 -18.73 -12.90
C ILE B 73 7.43 -19.68 -13.69
N GLN B 74 6.61 -19.12 -14.56
CA GLN B 74 5.76 -19.89 -15.45
C GLN B 74 6.28 -19.91 -16.91
N SER B 75 5.82 -20.87 -17.70
CA SER B 75 6.23 -20.94 -19.09
C SER B 75 5.13 -20.51 -20.08
N PHE B 76 5.53 -19.82 -21.13
CA PHE B 76 4.61 -19.48 -22.20
C PHE B 76 3.88 -20.69 -22.78
N THR B 77 4.42 -21.89 -22.62
CA THR B 77 3.72 -23.06 -23.16
C THR B 77 2.50 -23.46 -22.33
N ARG B 78 2.44 -23.01 -21.08
CA ARG B 78 1.32 -23.37 -20.21
C ARG B 78 0.36 -22.18 -20.14
N PHE B 79 0.92 -20.98 -20.18
CA PHE B 79 0.14 -19.75 -20.11
C PHE B 79 0.48 -18.81 -21.27
N PRO B 80 -0.38 -18.77 -22.29
CA PRO B 80 -0.13 -17.93 -23.46
C PRO B 80 -0.22 -16.45 -23.08
N GLY B 81 0.71 -15.63 -23.55
CA GLY B 81 0.70 -14.21 -23.21
C GLY B 81 -0.63 -13.50 -23.42
N ASN B 82 -1.38 -13.90 -24.46
CA ASN B 82 -2.66 -13.28 -24.74
C ASN B 82 -3.69 -13.45 -23.64
N SER B 83 -3.49 -14.44 -22.78
CA SER B 83 -4.42 -14.69 -21.69
C SER B 83 -3.96 -14.01 -20.43
N VAL B 84 -2.64 -14.01 -20.26
CA VAL B 84 -2.01 -13.44 -19.08
C VAL B 84 -2.01 -11.91 -19.07
N ALA B 85 -1.88 -11.29 -20.24
CA ALA B 85 -1.72 -9.85 -20.27
C ALA B 85 -2.98 -9.11 -19.78
N PRO B 86 -4.16 -9.49 -20.30
CA PRO B 86 -5.37 -8.86 -19.79
C PRO B 86 -5.51 -9.03 -18.27
N ALA B 87 -5.22 -10.22 -17.78
CA ALA B 87 -5.29 -10.46 -16.34
C ALA B 87 -4.27 -9.58 -15.63
N ALA B 88 -3.09 -9.42 -16.22
CA ALA B 88 -2.04 -8.68 -15.56
C ALA B 88 -2.41 -7.21 -15.53
N LEU B 89 -3.06 -6.74 -16.58
CA LEU B 89 -3.45 -5.34 -16.66
C LEU B 89 -4.60 -5.05 -15.71
N PHE B 90 -5.54 -5.99 -15.65
CA PHE B 90 -6.67 -5.91 -14.75
C PHE B 90 -6.16 -5.77 -13.32
N LEU B 91 -5.11 -6.51 -13.00
CA LEU B 91 -4.49 -6.42 -11.68
C LEU B 91 -3.75 -5.08 -11.49
N ALA B 92 -2.87 -4.75 -12.43
CA ALA B 92 -2.11 -3.51 -12.36
C ALA B 92 -2.98 -2.28 -12.13
N ALA B 93 -4.10 -2.22 -12.84
CA ALA B 93 -5.02 -1.10 -12.72
C ALA B 93 -5.61 -0.97 -11.30
N LYS B 94 -6.05 -2.06 -10.68
CA LYS B 94 -6.51 -1.97 -9.27
C LYS B 94 -5.38 -1.57 -8.36
N VAL B 95 -4.23 -2.21 -8.52
CA VAL B 95 -3.08 -1.92 -7.69
C VAL B 95 -2.68 -0.45 -7.78
N GLU B 96 -2.83 0.16 -8.94
CA GLU B 96 -2.31 1.52 -9.10
C GLU B 96 -3.31 2.65 -8.86
N GLY B 97 -4.54 2.31 -8.52
CA GLY B 97 -5.55 3.32 -8.22
C GLY B 97 -6.47 3.66 -9.38
N GLN B 98 -6.39 2.90 -10.47
CA GLN B 98 -7.21 3.14 -11.65
C GLN B 98 -8.01 1.92 -12.06
N PRO B 99 -8.84 1.40 -11.15
CA PRO B 99 -9.52 0.14 -11.41
C PRO B 99 -10.36 0.27 -12.65
N LYS B 100 -10.33 -0.76 -13.48
CA LYS B 100 -11.19 -0.87 -14.64
C LYS B 100 -12.08 -2.06 -14.34
N LYS B 101 -13.35 -2.01 -14.73
CA LYS B 101 -14.22 -3.14 -14.42
C LYS B 101 -13.86 -4.38 -15.23
N LEU B 102 -14.16 -5.52 -14.67
CA LEU B 102 -13.77 -6.79 -15.24
C LEU B 102 -14.39 -6.98 -16.63
N GLU B 103 -15.66 -6.64 -16.78
CA GLU B 103 -16.29 -6.74 -18.10
C GLU B 103 -15.53 -5.89 -19.11
N HIS B 104 -15.20 -4.68 -18.69
CA HIS B 104 -14.62 -3.67 -19.56
C HIS B 104 -13.27 -4.15 -20.08
N VAL B 105 -12.45 -4.69 -19.19
CA VAL B 105 -11.14 -5.21 -19.59
C VAL B 105 -11.29 -6.40 -20.54
N ILE B 106 -12.31 -7.21 -20.31
CA ILE B 106 -12.59 -8.32 -21.21
C ILE B 106 -13.09 -7.87 -22.60
N LYS B 107 -14.00 -6.89 -22.64
CA LYS B 107 -14.42 -6.30 -23.92
C LYS B 107 -13.20 -5.84 -24.71
N VAL B 108 -12.35 -5.05 -24.06
CA VAL B 108 -11.22 -4.48 -24.74
C VAL B 108 -10.18 -5.52 -25.15
N ALA B 109 -9.94 -6.50 -24.28
CA ALA B 109 -9.06 -7.61 -24.65
C ALA B 109 -9.57 -8.28 -25.93
N HIS B 110 -10.89 -8.46 -25.98
CA HIS B 110 -11.48 -9.16 -27.09
C HIS B 110 -11.28 -8.39 -28.39
N THR B 111 -11.54 -7.08 -28.37
CA THR B 111 -11.48 -6.38 -29.63
C THR B 111 -10.04 -6.39 -30.09
N CYS B 112 -9.12 -6.16 -29.18
CA CYS B 112 -7.70 -6.18 -29.50
C CYS B 112 -7.24 -7.49 -30.14
N LEU B 113 -7.77 -8.60 -29.66
CA LEU B 113 -7.31 -9.92 -30.10
C LEU B 113 -8.18 -10.53 -31.20
N HIS B 114 -9.33 -9.92 -31.48
CA HIS B 114 -10.19 -10.40 -32.55
C HIS B 114 -10.97 -9.24 -33.15
N PRO B 115 -10.29 -8.30 -33.83
CA PRO B 115 -10.92 -7.05 -34.25
C PRO B 115 -12.16 -7.30 -35.09
N GLN B 116 -12.29 -8.52 -35.61
CA GLN B 116 -13.43 -8.87 -36.44
C GLN B 116 -14.56 -9.45 -35.61
N GLU B 117 -14.30 -10.58 -34.96
CA GLU B 117 -15.34 -11.25 -34.19
C GLU B 117 -16.16 -10.26 -33.35
N SER B 118 -17.38 -10.65 -33.03
CA SER B 118 -18.27 -9.81 -32.24
C SER B 118 -18.30 -10.34 -30.81
N LEU B 119 -18.44 -9.43 -29.84
CA LEU B 119 -18.44 -9.83 -28.44
C LEU B 119 -19.61 -10.76 -28.17
N PRO B 120 -19.34 -11.90 -27.50
CA PRO B 120 -20.41 -12.85 -27.19
C PRO B 120 -21.53 -12.20 -26.36
N ASP B 121 -22.53 -12.99 -26.01
CA ASP B 121 -23.59 -12.49 -25.16
C ASP B 121 -23.22 -12.66 -23.70
N THR B 122 -23.10 -11.55 -23.00
CA THR B 122 -22.86 -11.56 -21.57
C THR B 122 -23.69 -12.68 -20.92
N ARG B 123 -24.86 -12.96 -21.48
CA ARG B 123 -25.71 -14.00 -20.95
C ARG B 123 -25.11 -15.38 -21.22
N SER B 124 -24.33 -15.49 -22.30
CA SER B 124 -23.76 -16.76 -22.74
C SER B 124 -22.95 -17.45 -21.65
N GLU B 125 -22.86 -18.78 -21.75
CA GLU B 125 -21.93 -19.51 -20.91
C GLU B 125 -20.51 -19.32 -21.42
N ALA B 126 -20.38 -19.20 -22.74
CA ALA B 126 -19.10 -18.89 -23.37
C ALA B 126 -18.44 -17.69 -22.68
N TYR B 127 -19.14 -16.57 -22.69
CA TYR B 127 -18.68 -15.36 -22.04
C TYR B 127 -18.46 -15.53 -20.53
N LEU B 128 -19.47 -16.06 -19.84
CA LEU B 128 -19.36 -16.21 -18.37
C LEU B 128 -18.08 -16.94 -17.97
N GLN B 129 -17.65 -17.90 -18.78
CA GLN B 129 -16.45 -18.66 -18.50
C GLN B 129 -15.19 -17.85 -18.80
N GLN B 130 -15.23 -16.96 -19.77
CA GLN B 130 -14.03 -16.17 -19.98
C GLN B 130 -13.88 -15.13 -18.86
N VAL B 131 -14.97 -14.87 -18.16
CA VAL B 131 -14.89 -14.01 -17.00
C VAL B 131 -14.26 -14.78 -15.85
N GLN B 132 -14.75 -15.99 -15.63
CA GLN B 132 -14.13 -16.85 -14.62
C GLN B 132 -12.66 -17.09 -14.92
N ASP B 133 -12.35 -17.31 -16.19
CA ASP B 133 -10.97 -17.55 -16.59
C ASP B 133 -10.05 -16.39 -16.21
N LEU B 134 -10.46 -15.15 -16.49
CA LEU B 134 -9.59 -14.00 -16.19
C LEU B 134 -9.36 -13.91 -14.69
N VAL B 135 -10.43 -14.05 -13.93
CA VAL B 135 -10.35 -13.99 -12.50
C VAL B 135 -9.46 -15.10 -11.93
N ILE B 136 -9.50 -16.27 -12.54
CA ILE B 136 -8.64 -17.34 -12.12
C ILE B 136 -7.18 -16.99 -12.34
N LEU B 137 -6.91 -16.40 -13.49
CA LEU B 137 -5.55 -16.12 -13.90
C LEU B 137 -4.99 -14.98 -13.08
N GLU B 138 -5.85 -14.04 -12.72
CA GLU B 138 -5.41 -12.97 -11.83
C GLU B 138 -4.94 -13.64 -10.56
N SER B 139 -5.65 -14.69 -10.17
CA SER B 139 -5.33 -15.39 -8.95
C SER B 139 -3.97 -16.08 -9.06
N ILE B 140 -3.75 -16.76 -10.19
CA ILE B 140 -2.48 -17.41 -10.42
C ILE B 140 -1.35 -16.37 -10.52
N ILE B 141 -1.62 -15.22 -11.14
CA ILE B 141 -0.60 -14.19 -11.17
C ILE B 141 -0.25 -13.75 -9.74
N LEU B 142 -1.27 -13.49 -8.93
CA LEU B 142 -1.04 -13.06 -7.57
C LEU B 142 -0.17 -14.06 -6.83
N GLN B 143 -0.55 -15.32 -6.89
CA GLN B 143 0.22 -16.35 -6.22
C GLN B 143 1.65 -16.43 -6.76
N THR B 144 1.80 -16.47 -8.09
CA THR B 144 3.11 -16.55 -8.71
C THR B 144 4.02 -15.41 -8.28
N LEU B 145 3.46 -14.22 -8.09
CA LEU B 145 4.29 -13.09 -7.67
C LEU B 145 4.50 -13.08 -6.15
N GLY B 146 3.99 -14.10 -5.48
CA GLY B 146 4.11 -14.13 -4.04
C GLY B 146 3.45 -12.90 -3.43
N PHE B 147 2.43 -12.40 -4.12
CA PHE B 147 1.67 -11.28 -3.60
C PHE B 147 2.46 -10.00 -3.39
N GLU B 148 3.57 -9.88 -4.10
CA GLU B 148 4.42 -8.71 -4.02
C GLU B 148 4.18 -7.77 -5.24
N LEU B 149 3.27 -6.80 -5.11
CA LEU B 149 2.82 -6.01 -6.27
C LEU B 149 3.31 -4.58 -6.30
N THR B 150 4.13 -4.18 -5.36
CA THR B 150 4.60 -2.82 -5.28
C THR B 150 5.84 -2.73 -6.11
N ILE B 151 5.74 -2.01 -7.21
CA ILE B 151 6.81 -1.89 -8.17
C ILE B 151 7.48 -0.57 -7.98
N ASP B 152 8.79 -0.53 -8.20
CA ASP B 152 9.51 0.71 -8.19
C ASP B 152 9.37 1.34 -9.56
N HIS B 153 8.48 2.33 -9.66
CA HIS B 153 8.13 2.95 -10.96
C HIS B 153 9.37 3.62 -11.62
N PRO B 154 9.76 3.17 -12.83
CA PRO B 154 11.06 3.54 -13.42
C PRO B 154 11.13 4.94 -14.03
N HIS B 155 10.00 5.50 -14.45
CA HIS B 155 9.97 6.84 -15.06
C HIS B 155 10.58 7.90 -14.13
N THR B 156 10.08 7.93 -12.90
CA THR B 156 10.52 8.93 -11.94
C THR B 156 12.05 8.93 -11.75
N HIS B 157 12.66 7.76 -11.61
CA HIS B 157 14.13 7.66 -11.73
C HIS B 157 14.73 8.39 -12.93
N VAL B 158 14.17 8.18 -14.12
CA VAL B 158 14.70 8.81 -15.31
C VAL B 158 14.58 10.31 -15.20
N VAL B 159 13.41 10.77 -14.77
CA VAL B 159 13.20 12.20 -14.58
C VAL B 159 14.30 12.84 -13.73
N LYS B 160 14.59 12.24 -12.58
CA LYS B 160 15.59 12.79 -11.68
C LYS B 160 17.02 12.78 -12.23
N CYS B 161 17.33 11.85 -13.13
CA CYS B 161 18.65 11.83 -13.77
C CYS B 161 18.77 12.87 -14.88
N THR B 162 17.66 13.16 -15.56
CA THR B 162 17.68 14.24 -16.55
C THR B 162 17.77 15.59 -15.84
N GLN B 163 17.10 15.71 -14.71
CA GLN B 163 17.21 16.94 -13.93
C GLN B 163 18.65 17.08 -13.47
N LEU B 164 19.25 15.95 -13.12
CA LEU B 164 20.58 15.93 -12.55
C LEU B 164 21.68 16.21 -13.56
N VAL B 165 21.29 16.45 -14.80
CA VAL B 165 22.28 16.79 -15.82
C VAL B 165 21.79 17.95 -16.67
N ARG B 166 20.88 18.74 -16.08
CA ARG B 166 20.25 19.87 -16.76
C ARG B 166 20.02 19.57 -18.24
N ALA B 167 19.30 18.48 -18.50
CA ALA B 167 19.06 18.04 -19.87
C ALA B 167 18.04 18.93 -20.55
N SER B 168 18.16 19.04 -21.87
CA SER B 168 17.17 19.72 -22.69
C SER B 168 15.81 19.06 -22.53
N LYS B 169 14.75 19.76 -22.93
CA LYS B 169 13.44 19.12 -22.99
C LYS B 169 13.53 17.92 -23.91
N ASP B 170 14.13 18.12 -25.08
CA ASP B 170 14.28 17.06 -26.06
C ASP B 170 15.13 15.89 -25.51
N LEU B 171 16.23 16.20 -24.82
CA LEU B 171 17.08 15.14 -24.31
C LEU B 171 16.36 14.28 -23.28
N ALA B 172 15.43 14.88 -22.55
CA ALA B 172 14.64 14.14 -21.57
C ALA B 172 13.53 13.33 -22.25
N GLN B 173 12.86 13.92 -23.23
CA GLN B 173 11.85 13.19 -23.99
C GLN B 173 12.44 11.92 -24.61
N THR B 174 13.64 12.05 -25.20
CA THR B 174 14.34 10.91 -25.79
C THR B 174 14.67 9.86 -24.73
N SER B 175 15.17 10.33 -23.59
CA SER B 175 15.44 9.44 -22.47
C SER B 175 14.22 8.65 -22.06
N TYR B 176 13.09 9.36 -21.95
CA TYR B 176 11.87 8.74 -21.48
C TYR B 176 11.47 7.64 -22.45
N PHE B 177 11.70 7.92 -23.73
CA PHE B 177 11.40 6.99 -24.83
C PHE B 177 12.24 5.72 -24.76
N MET B 178 13.56 5.87 -24.63
CA MET B 178 14.44 4.73 -24.38
C MET B 178 13.91 3.95 -23.19
N ALA B 179 13.66 4.67 -22.10
CA ALA B 179 13.16 4.09 -20.88
C ALA B 179 11.97 3.17 -21.12
N THR B 180 10.93 3.72 -21.74
CA THR B 180 9.71 2.97 -21.97
C THR B 180 9.96 1.78 -22.89
N ASN B 181 10.73 2.00 -23.95
CA ASN B 181 10.98 0.92 -24.90
C ASN B 181 11.79 -0.23 -24.33
N SER B 182 12.69 0.07 -23.40
CA SER B 182 13.48 -0.97 -22.76
C SER B 182 12.56 -1.97 -22.03
N LEU B 183 11.56 -1.44 -21.35
CA LEU B 183 10.55 -2.26 -20.69
C LEU B 183 9.80 -3.17 -21.68
N HIS B 184 9.37 -2.62 -22.82
CA HIS B 184 8.70 -3.45 -23.83
C HIS B 184 9.63 -4.44 -24.50
N LEU B 185 10.87 -4.04 -24.72
CA LEU B 185 11.71 -4.72 -25.69
C LEU B 185 12.83 -5.56 -25.10
N THR B 186 13.28 -5.25 -23.89
CA THR B 186 14.36 -6.01 -23.26
C THR B 186 13.91 -6.56 -21.93
N THR B 187 14.71 -7.47 -21.40
CA THR B 187 14.44 -7.97 -20.05
C THR B 187 15.30 -7.24 -19.01
N PHE B 188 15.78 -6.05 -19.34
CA PHE B 188 16.59 -5.25 -18.41
C PHE B 188 16.03 -5.16 -17.01
N SER B 189 14.71 -5.07 -16.90
CA SER B 189 14.07 -4.82 -15.63
C SER B 189 14.06 -6.06 -14.74
N LEU B 190 14.40 -7.19 -15.36
CA LEU B 190 14.61 -8.43 -14.62
C LEU B 190 16.09 -8.63 -14.24
N GLN B 191 16.96 -7.73 -14.70
CA GLN B 191 18.40 -7.87 -14.53
C GLN B 191 19.07 -6.71 -13.79
N TYR B 192 18.56 -5.50 -13.99
CA TYR B 192 19.17 -4.33 -13.39
C TYR B 192 18.17 -3.43 -12.67
N THR B 193 18.63 -2.77 -11.62
CA THR B 193 17.78 -1.93 -10.78
C THR B 193 17.28 -0.74 -11.58
N PRO B 194 16.10 -0.23 -11.21
CA PRO B 194 15.52 0.92 -11.93
C PRO B 194 16.50 2.10 -12.02
N PRO B 195 17.24 2.40 -10.94
CA PRO B 195 18.27 3.44 -11.07
C PRO B 195 19.20 3.19 -12.24
N VAL B 196 19.72 1.96 -12.35
CA VAL B 196 20.70 1.66 -13.39
C VAL B 196 20.10 1.75 -14.78
N VAL B 197 18.93 1.12 -14.96
CA VAL B 197 18.25 1.16 -16.24
C VAL B 197 18.17 2.58 -16.73
N ALA B 198 17.82 3.49 -15.83
CA ALA B 198 17.66 4.89 -16.22
C ALA B 198 18.99 5.50 -16.70
N CYS B 199 20.10 5.09 -16.10
CA CYS B 199 21.40 5.56 -16.56
C CYS B 199 21.60 5.06 -17.99
N VAL B 200 21.36 3.77 -18.17
CA VAL B 200 21.40 3.18 -19.50
C VAL B 200 20.60 4.01 -20.51
N CYS B 201 19.36 4.34 -20.18
CA CYS B 201 18.51 5.13 -21.06
C CYS B 201 19.00 6.55 -21.28
N ILE B 202 19.62 7.15 -20.28
CA ILE B 202 20.13 8.49 -20.48
C ILE B 202 21.43 8.46 -21.31
N HIS B 203 22.30 7.52 -21.00
CA HIS B 203 23.50 7.33 -21.81
C HIS B 203 23.12 7.19 -23.28
N LEU B 204 22.23 6.25 -23.59
CA LEU B 204 21.96 5.97 -25.00
C LEU B 204 21.33 7.19 -25.63
N ALA B 205 20.55 7.92 -24.84
CA ALA B 205 19.87 9.10 -25.34
C ALA B 205 20.87 10.17 -25.71
N CYS B 206 21.89 10.34 -24.89
CA CYS B 206 22.98 11.27 -25.19
C CYS B 206 23.67 10.91 -26.50
N LYS B 207 24.05 9.64 -26.64
CA LYS B 207 24.74 9.17 -27.83
C LYS B 207 23.93 9.47 -29.06
N TRP B 208 22.64 9.17 -28.98
CA TRP B 208 21.75 9.36 -30.09
C TRP B 208 21.65 10.84 -30.44
N SER B 209 21.57 11.67 -29.40
CA SER B 209 21.38 13.11 -29.59
C SER B 209 22.70 13.82 -29.76
N ASN B 210 23.78 13.04 -29.82
CA ASN B 210 25.12 13.61 -29.92
C ASN B 210 25.30 14.72 -28.89
N TRP B 211 24.96 14.40 -27.65
CA TRP B 211 25.12 15.30 -26.51
C TRP B 211 26.24 14.74 -25.62
N GLU B 212 27.15 15.62 -25.21
CA GLU B 212 28.24 15.23 -24.32
C GLU B 212 27.98 15.76 -22.92
N ILE B 213 27.87 14.85 -21.96
CA ILE B 213 27.72 15.22 -20.55
C ILE B 213 29.07 15.57 -19.97
N PRO B 214 29.22 16.81 -19.49
CA PRO B 214 30.50 17.29 -18.99
C PRO B 214 30.92 16.52 -17.75
N VAL B 215 32.20 16.20 -17.62
CA VAL B 215 32.68 15.54 -16.41
C VAL B 215 32.46 16.47 -15.22
N SER B 216 32.44 15.91 -14.01
CA SER B 216 32.27 16.71 -12.80
C SER B 216 33.34 17.79 -12.71
N THR B 217 33.17 18.70 -11.77
CA THR B 217 34.19 19.67 -11.43
C THR B 217 35.41 18.95 -10.81
N ASP B 218 35.14 17.75 -10.28
CA ASP B 218 36.18 16.87 -9.72
C ASP B 218 36.86 16.06 -10.82
N GLY B 219 36.07 15.19 -11.44
CA GLY B 219 36.56 14.21 -12.40
C GLY B 219 35.61 13.02 -12.39
N LYS B 220 34.60 13.11 -11.53
CA LYS B 220 33.57 12.07 -11.38
C LYS B 220 32.54 12.10 -12.51
N HIS B 221 32.21 10.94 -13.06
CA HIS B 221 31.23 10.88 -14.14
C HIS B 221 29.82 11.00 -13.59
N TRP B 222 28.93 11.60 -14.38
CA TRP B 222 27.57 11.91 -13.94
C TRP B 222 26.82 10.76 -13.27
N TRP B 223 26.98 9.55 -13.79
CA TRP B 223 26.24 8.41 -13.27
C TRP B 223 26.60 8.02 -11.83
N GLU B 224 27.79 8.37 -11.38
CA GLU B 224 28.19 8.04 -10.01
C GLU B 224 27.28 8.69 -8.97
N TYR B 225 26.57 9.74 -9.37
CA TYR B 225 25.60 10.42 -8.51
C TYR B 225 24.30 9.63 -8.39
N VAL B 226 24.19 8.54 -9.14
CA VAL B 226 22.94 7.81 -9.19
C VAL B 226 23.01 6.38 -8.66
N ASP B 227 23.98 5.60 -9.13
CA ASP B 227 24.17 4.25 -8.61
C ASP B 227 25.63 3.85 -8.62
N ALA B 228 26.21 3.79 -7.43
CA ALA B 228 27.65 3.58 -7.29
C ALA B 228 28.18 2.47 -8.20
N THR B 229 27.35 1.46 -8.43
CA THR B 229 27.77 0.25 -9.11
C THR B 229 27.90 0.38 -10.63
N VAL B 230 27.65 1.58 -11.15
CA VAL B 230 27.57 1.74 -12.59
C VAL B 230 28.89 2.15 -13.23
N THR B 231 29.43 1.27 -14.08
CA THR B 231 30.67 1.55 -14.80
C THR B 231 30.42 1.79 -16.29
N LEU B 232 31.05 2.81 -16.84
CA LEU B 232 30.95 3.10 -18.27
C LEU B 232 30.89 1.83 -19.11
N GLU B 233 31.80 0.91 -18.84
CA GLU B 233 31.87 -0.35 -19.57
C GLU B 233 30.49 -1.00 -19.64
N LEU B 234 29.75 -0.97 -18.54
CA LEU B 234 28.40 -1.54 -18.48
C LEU B 234 27.38 -0.76 -19.31
N LEU B 235 27.27 0.54 -19.06
CA LEU B 235 26.44 1.38 -19.91
C LEU B 235 26.65 1.08 -21.40
N ASP B 236 27.90 1.03 -21.84
CA ASP B 236 28.18 0.77 -23.24
C ASP B 236 27.58 -0.56 -23.72
N GLU B 237 27.64 -1.58 -22.87
CA GLU B 237 27.13 -2.87 -23.29
C GLU B 237 25.61 -2.85 -23.33
N LEU B 238 25.00 -2.28 -22.30
CA LEU B 238 23.56 -2.25 -22.25
C LEU B 238 22.98 -1.36 -23.37
N THR B 239 23.54 -0.16 -23.55
CA THR B 239 23.05 0.76 -24.58
C THR B 239 23.25 0.15 -25.95
N HIS B 240 24.27 -0.69 -26.08
CA HIS B 240 24.45 -1.43 -27.30
C HIS B 240 23.30 -2.42 -27.54
N GLU B 241 22.95 -3.20 -26.51
CA GLU B 241 21.94 -4.24 -26.65
C GLU B 241 20.59 -3.61 -26.93
N LEU B 242 20.32 -2.54 -26.20
CA LEU B 242 19.08 -1.80 -26.36
C LEU B 242 19.00 -1.25 -27.77
N LEU B 243 20.07 -0.61 -28.22
CA LEU B 243 20.03 -0.01 -29.53
C LEU B 243 19.84 -1.06 -30.63
N GLN B 244 20.46 -2.22 -30.49
CA GLN B 244 20.26 -3.26 -31.49
C GLN B 244 18.79 -3.63 -31.59
N ILE B 245 18.13 -3.79 -30.43
CA ILE B 245 16.72 -4.17 -30.46
C ILE B 245 15.89 -3.04 -31.06
N LEU B 246 16.18 -1.81 -30.67
CA LEU B 246 15.53 -0.67 -31.30
C LEU B 246 15.66 -0.72 -32.83
N GLU B 247 16.86 -0.99 -33.35
CA GLU B 247 17.08 -0.97 -34.81
C GLU B 247 16.26 -2.04 -35.48
N LYS B 248 15.94 -3.10 -34.74
CA LYS B 248 15.14 -4.21 -35.28
C LYS B 248 13.63 -3.93 -35.30
N THR B 249 13.20 -2.92 -34.55
CA THR B 249 11.79 -2.64 -34.33
C THR B 249 11.25 -1.56 -35.25
N PRO B 250 10.49 -1.96 -36.27
CA PRO B 250 10.04 -1.06 -37.34
C PRO B 250 9.39 0.23 -36.84
N ASN B 251 9.69 1.34 -37.48
CA ASN B 251 9.13 2.67 -37.14
C ASN B 251 9.50 3.25 -35.79
N ARG B 252 10.06 2.41 -34.91
CA ARG B 252 10.36 2.88 -33.56
C ARG B 252 11.41 4.02 -33.51
N LEU B 253 12.64 3.76 -33.96
CA LEU B 253 13.65 4.82 -33.98
C LEU B 253 13.17 6.05 -34.75
N LYS B 254 12.33 5.86 -35.77
CA LYS B 254 11.77 7.02 -36.47
C LYS B 254 11.18 8.06 -35.50
N ARG B 255 10.59 7.60 -34.40
CA ARG B 255 9.91 8.53 -33.49
C ARG B 255 10.83 9.56 -32.84
N ILE B 256 12.11 9.22 -32.66
CA ILE B 256 13.07 10.14 -32.05
C ILE B 256 14.15 10.67 -33.03
N TRP B 257 13.90 10.50 -34.33
CA TRP B 257 14.92 10.77 -35.33
C TRP B 257 14.89 12.21 -35.85
N ASN B 258 15.98 12.93 -35.63
CA ASN B 258 16.11 14.31 -36.11
C ASN B 258 16.10 14.45 -37.64
N TRP B 259 15.12 15.20 -38.15
CA TRP B 259 14.76 15.22 -39.57
C TRP B 259 15.00 16.57 -40.29
N ARG B 260 15.44 17.59 -39.56
CA ARG B 260 15.44 18.98 -40.07
C ARG B 260 16.52 19.34 -41.12
P PO4 C . -4.35 3.75 -0.70
O1 PO4 C . -3.52 2.77 -1.48
O2 PO4 C . -3.81 5.16 -0.87
O3 PO4 C . -5.78 3.72 -1.20
O4 PO4 C . -4.27 3.37 0.75
C1 GOL D . -11.49 -4.69 -7.14
O1 GOL D . -11.73 -3.63 -8.07
C2 GOL D . -12.76 -5.38 -6.62
O2 GOL D . -13.25 -4.76 -5.43
C3 GOL D . -12.48 -6.87 -6.40
O3 GOL D . -13.65 -7.63 -6.11
C6 RFZ E . -5.60 -9.67 15.01
C5 RFZ E . -5.16 -10.33 16.15
C4 RFZ E . -3.83 -10.73 16.24
CL2 RFZ E . -3.23 -11.58 17.70
C3 RFZ E . -2.96 -10.45 15.19
CL1 RFZ E . -1.26 -10.97 15.32
C2 RFZ E . -3.40 -9.80 14.05
C7 RFZ E . -4.71 -9.42 13.96
N2 RFZ E . -5.41 -8.77 13.01
C1 RFZ E . -6.68 -8.64 13.44
N1 RFZ E . -6.78 -9.19 14.66
C1' RFZ E . -8.03 -9.25 15.46
O4' RFZ E . -9.14 -9.20 14.55
C4' RFZ E . -9.86 -7.96 14.65
C5' RFZ E . -9.84 -7.26 13.31
O5' RFZ E . -10.17 -8.20 12.27
C3' RFZ E . -9.18 -7.13 15.74
O3' RFZ E . -10.14 -6.70 16.71
C2' RFZ E . -8.10 -8.01 16.35
O2' RFZ E . -8.38 -8.41 17.70
C1 GOL F . 2.98 -18.31 -26.70
O1 GOL F . 2.30 -19.42 -27.26
C2 GOL F . 2.33 -16.97 -27.06
O2 GOL F . 2.79 -15.97 -26.18
C3 GOL F . 0.81 -17.04 -27.03
O3 GOL F . 0.27 -15.73 -27.05
C1 GOL G . -4.69 -0.33 -4.24
O1 GOL G . -3.48 0.02 -3.59
C2 GOL G . -5.69 0.83 -4.41
O2 GOL G . -5.09 2.10 -4.33
C3 GOL G . -6.87 0.71 -3.45
O3 GOL G . -7.44 1.97 -3.14
C1 GOL H . 18.76 18.03 -39.20
O1 GOL H . 19.82 18.69 -38.53
C2 GOL H . 19.12 16.58 -39.62
O2 GOL H . 17.97 15.79 -39.93
C3 GOL H . 20.08 15.98 -38.59
O3 GOL H . 21.35 16.61 -38.70
C1 GOL I . 6.67 9.98 -21.68
O1 GOL I . 6.62 11.15 -20.88
C2 GOL I . 6.93 8.72 -20.86
O2 GOL I . 6.92 7.61 -21.75
C3 GOL I . 5.85 8.55 -19.78
O3 GOL I . 6.25 7.70 -18.72
#